data_5ED7
#
_entry.id   5ED7
#
_cell.length_a   54.273
_cell.length_b   54.273
_cell.length_c   180.757
_cell.angle_alpha   90.00
_cell.angle_beta   90.00
_cell.angle_gamma   90.00
#
_symmetry.space_group_name_H-M   'P 43 21 2'
#
loop_
_entity.id
_entity.type
_entity.pdbx_description
1 polymer 'Tegument protein UL21'
2 non-polymer 'CHLORIDE ION'
3 water water
#
_entity_poly.entity_id   1
_entity_poly.type   'polypeptide(L)'
_entity_poly.pdbx_seq_one_letter_code
;PPGPTLRELWWVFYAADRALEEPRADSGLTREEVRAVRGFREQAWKLFGSAGAPRAFIGAALGLSPLQKLAVYYYIIHRE
RRLSPFPALVRLVGRYTQRHGLYVPRPDDPVLADAINGLFRDALAAGTTAEQLLMFDLLPPKDVPVGSDVQADSTALLRF
IESQRLAVPGGVISPEHVAYLGAFLSVLYAGRGRMSAATHTARLTGVTSLVLAVGDVDRLSAFDRGAAGAASRTRAAGYL
DVLLTVRLARSQ
;
_entity_poly.pdbx_strand_id   A
#
# COMPACT_ATOMS: atom_id res chain seq x y z
N PRO A 1 -18.97 12.27 1.41
CA PRO A 1 -17.76 12.02 0.62
C PRO A 1 -16.66 11.37 1.45
N PRO A 2 -16.12 10.25 0.96
CA PRO A 2 -15.06 9.57 1.71
C PRO A 2 -13.76 10.34 1.64
N GLY A 3 -13.05 10.37 2.76
CA GLY A 3 -11.74 10.99 2.83
C GLY A 3 -10.64 9.96 2.77
N PRO A 4 -9.37 10.41 2.82
CA PRO A 4 -8.98 11.83 2.90
C PRO A 4 -8.86 12.48 1.53
N THR A 5 -8.85 13.80 1.49
CA THR A 5 -8.71 14.54 0.26
C THR A 5 -7.24 14.71 -0.10
N LEU A 6 -6.99 15.13 -1.35
CA LEU A 6 -5.62 15.36 -1.79
C LEU A 6 -4.95 16.48 -1.00
N ARG A 7 -5.72 17.52 -0.65
CA ARG A 7 -5.16 18.61 0.15
C ARG A 7 -4.76 18.12 1.53
N GLU A 8 -5.63 17.34 2.18
CA GLU A 8 -5.29 16.76 3.48
C GLU A 8 -4.03 15.91 3.39
N LEU A 9 -3.97 15.02 2.39
CA LEU A 9 -2.80 14.18 2.21
C LEU A 9 -1.55 15.02 2.03
N TRP A 10 -1.66 16.14 1.32
CA TRP A 10 -0.49 16.98 1.03
C TRP A 10 0.11 17.53 2.31
N TRP A 11 -0.72 18.11 3.19
CA TRP A 11 -0.21 18.68 4.43
C TRP A 11 0.48 17.62 5.28
N VAL A 12 -0.11 16.44 5.40
CA VAL A 12 0.46 15.39 6.24
C VAL A 12 1.69 14.80 5.57
N PHE A 13 1.67 14.64 4.25
CA PHE A 13 2.76 13.97 3.55
C PHE A 13 4.08 14.73 3.69
N TYR A 14 4.02 16.06 3.66
CA TYR A 14 5.22 16.87 3.57
C TYR A 14 5.62 17.53 4.90
N ALA A 15 4.80 17.45 5.94
CA ALA A 15 5.11 18.18 7.16
C ALA A 15 4.79 17.46 8.45
N ALA A 16 4.15 16.29 8.43
CA ALA A 16 3.82 15.61 9.68
C ALA A 16 5.07 15.17 10.43
N ASP A 17 6.06 14.65 9.70
CA ASP A 17 7.31 14.24 10.33
C ASP A 17 8.05 15.44 10.90
N ARG A 18 8.14 16.52 10.14
CA ARG A 18 8.79 17.74 10.63
C ARG A 18 8.02 18.33 11.80
N ALA A 19 6.71 18.13 11.85
CA ALA A 19 5.91 18.67 12.95
C ALA A 19 6.14 17.86 14.23
N LEU A 20 6.32 16.54 14.09
CA LEU A 20 6.55 15.71 15.27
C LEU A 20 7.92 15.94 15.87
N GLU A 21 8.88 16.38 15.06
CA GLU A 21 10.22 16.70 15.54
C GLU A 21 10.26 18.06 16.25
N GLU A 22 9.09 18.64 16.57
CA GLU A 22 9.01 19.88 17.34
C GLU A 22 8.51 19.59 18.75
N PRO A 23 9.05 20.28 19.76
CA PRO A 23 8.78 19.88 21.15
C PRO A 23 7.32 20.01 21.56
N ARG A 24 6.70 21.15 21.28
CA ARG A 24 5.32 21.40 21.70
C ARG A 24 4.33 21.09 20.58
N ALA A 25 4.50 19.95 19.91
CA ALA A 25 3.66 19.63 18.76
C ALA A 25 2.22 19.39 19.17
N ASP A 26 2.00 18.77 20.34
CA ASP A 26 0.65 18.44 20.79
C ASP A 26 -0.02 19.57 21.55
N SER A 27 0.70 20.65 21.84
CA SER A 27 0.13 21.75 22.63
C SER A 27 -1.02 22.45 21.92
N GLY A 28 -1.23 22.18 20.64
CA GLY A 28 -2.28 22.86 19.88
C GLY A 28 -3.59 22.11 19.82
N LEU A 29 -3.56 20.79 19.97
CA LEU A 29 -4.73 19.95 19.79
C LEU A 29 -5.10 19.25 21.10
N THR A 30 -6.16 18.46 21.04
CA THR A 30 -6.84 17.94 22.22
C THR A 30 -6.37 16.52 22.56
N ARG A 31 -6.95 15.96 23.63
CA ARG A 31 -6.58 14.63 24.08
C ARG A 31 -7.09 13.56 23.12
N GLU A 32 -8.35 13.68 22.67
CA GLU A 32 -8.88 12.71 21.71
C GLU A 32 -8.11 12.74 20.40
N GLU A 33 -7.53 13.89 20.06
CA GLU A 33 -6.73 14.00 18.85
C GLU A 33 -5.32 13.48 19.05
N VAL A 34 -4.76 13.62 20.25
CA VAL A 34 -3.50 12.95 20.58
C VAL A 34 -3.67 11.44 20.45
N ARG A 35 -4.81 10.93 20.91
CA ARG A 35 -5.08 9.49 20.81
C ARG A 35 -5.27 9.06 19.36
N ALA A 36 -5.69 9.98 18.49
CA ALA A 36 -5.83 9.66 17.07
C ALA A 36 -4.46 9.62 16.39
N VAL A 37 -3.61 10.61 16.65
CA VAL A 37 -2.24 10.58 16.15
C VAL A 37 -1.49 9.40 16.75
N ARG A 38 -1.83 9.03 17.99
CA ARG A 38 -1.24 7.86 18.62
C ARG A 38 -1.41 6.62 17.75
N GLY A 39 -2.66 6.23 17.50
CA GLY A 39 -2.92 5.03 16.72
C GLY A 39 -2.37 5.11 15.31
N PHE A 40 -2.36 6.30 14.71
CA PHE A 40 -1.80 6.44 13.37
C PHE A 40 -0.30 6.15 13.36
N ARG A 41 0.42 6.63 14.37
CA ARG A 41 1.85 6.32 14.47
C ARG A 41 2.08 4.87 14.84
N GLU A 42 1.22 4.32 15.69
CA GLU A 42 1.32 2.89 16.04
C GLU A 42 1.18 2.01 14.82
N GLN A 43 0.13 2.25 14.02
CA GLN A 43 -0.09 1.44 12.83
C GLN A 43 1.00 1.66 11.79
N ALA A 44 1.56 2.86 11.72
CA ALA A 44 2.65 3.10 10.78
C ALA A 44 3.87 2.26 11.11
N TRP A 45 4.15 2.06 12.40
CA TRP A 45 5.26 1.20 12.80
C TRP A 45 4.89 -0.28 12.65
N LYS A 46 3.65 -0.64 12.97
CA LYS A 46 3.22 -2.02 12.82
C LYS A 46 3.25 -2.47 11.37
N LEU A 47 3.08 -1.55 10.43
CA LEU A 47 3.06 -1.89 9.01
C LEU A 47 4.44 -1.73 8.35
N PHE A 48 5.10 -0.61 8.61
CA PHE A 48 6.34 -0.28 7.91
C PHE A 48 7.57 -0.22 8.80
N GLY A 49 7.41 -0.30 10.11
CA GLY A 49 8.56 -0.24 11.00
C GLY A 49 9.07 1.18 11.20
N SER A 50 10.38 1.30 11.38
CA SER A 50 11.04 2.58 11.59
C SER A 50 11.86 2.95 10.35
N ALA A 51 12.42 4.16 10.39
CA ALA A 51 13.35 4.57 9.36
C ALA A 51 14.66 3.79 9.44
N GLY A 52 14.97 3.22 10.61
CA GLY A 52 16.17 2.43 10.79
C GLY A 52 15.87 0.95 10.87
N ALA A 53 14.62 0.60 11.16
CA ALA A 53 14.17 -0.80 11.21
C ALA A 53 12.96 -0.98 10.30
N PRO A 54 13.16 -0.87 8.98
CA PRO A 54 12.02 -0.93 8.06
C PRO A 54 11.55 -2.36 7.85
N ARG A 55 10.25 -2.57 8.01
CA ARG A 55 9.68 -3.89 7.76
C ARG A 55 9.51 -4.12 6.26
N ALA A 56 9.38 -5.40 5.89
CA ALA A 56 9.21 -5.79 4.51
C ALA A 56 7.72 -5.75 4.17
N PHE A 57 7.31 -4.77 3.37
CA PHE A 57 5.91 -4.61 3.02
C PHE A 57 5.83 -3.84 1.70
N ILE A 58 4.61 -3.52 1.29
CA ILE A 58 4.38 -2.91 -0.01
C ILE A 58 4.85 -1.46 0.00
N GLY A 59 5.20 -0.95 -1.17
CA GLY A 59 5.74 0.39 -1.28
C GLY A 59 7.15 0.53 -0.75
N ALA A 60 7.96 -0.52 -0.86
CA ALA A 60 9.28 -0.53 -0.22
C ALA A 60 10.29 0.34 -0.97
N ALA A 61 10.10 0.55 -2.27
CA ALA A 61 11.07 1.27 -3.09
C ALA A 61 10.67 2.72 -3.36
N LEU A 62 9.78 3.27 -2.54
CA LEU A 62 9.28 4.62 -2.75
C LEU A 62 10.10 5.69 -2.04
N GLY A 63 10.98 5.31 -1.13
CA GLY A 63 11.76 6.27 -0.39
C GLY A 63 10.91 7.19 0.46
N LEU A 64 10.02 6.61 1.25
CA LEU A 64 9.09 7.36 2.08
C LEU A 64 9.23 6.93 3.54
N SER A 65 8.96 7.87 4.43
CA SER A 65 8.89 7.55 5.85
C SER A 65 7.67 6.70 6.13
N PRO A 66 7.64 5.99 7.26
CA PRO A 66 6.43 5.21 7.59
C PRO A 66 5.17 6.05 7.65
N LEU A 67 5.25 7.29 8.13
CA LEU A 67 4.06 8.15 8.15
C LEU A 67 3.65 8.54 6.73
N GLN A 68 4.62 8.81 5.85
CA GLN A 68 4.30 9.17 4.48
C GLN A 68 3.67 8.00 3.74
N LYS A 69 4.17 6.79 3.96
CA LYS A 69 3.58 5.61 3.34
C LYS A 69 2.15 5.38 3.83
N LEU A 70 1.93 5.52 5.14
CA LEU A 70 0.61 5.25 5.69
C LEU A 70 -0.41 6.28 5.21
N ALA A 71 0.02 7.54 5.07
CA ALA A 71 -0.89 8.58 4.59
C ALA A 71 -1.31 8.30 3.15
N VAL A 72 -0.35 7.95 2.29
CA VAL A 72 -0.68 7.55 0.93
C VAL A 72 -1.52 6.29 0.93
N TYR A 73 -1.27 5.39 1.89
CA TYR A 73 -2.02 4.14 1.98
C TYR A 73 -3.50 4.39 2.22
N TYR A 74 -3.81 5.30 3.17
CA TYR A 74 -5.21 5.57 3.48
C TYR A 74 -5.89 6.34 2.36
N TYR A 75 -5.17 7.25 1.70
CA TYR A 75 -5.76 8.01 0.61
C TYR A 75 -6.19 7.10 -0.53
N ILE A 76 -5.39 6.07 -0.82
CA ILE A 76 -5.76 5.13 -1.89
C ILE A 76 -6.98 4.31 -1.47
N ILE A 77 -7.00 3.83 -0.22
CA ILE A 77 -8.17 3.13 0.28
C ILE A 77 -9.39 4.03 0.22
N HIS A 78 -9.24 5.28 0.65
CA HIS A 78 -10.24 6.33 0.47
C HIS A 78 -11.57 5.94 1.12
N ARG A 79 -11.50 5.54 2.39
CA ARG A 79 -12.68 5.13 3.16
C ARG A 79 -12.69 5.75 4.55
N GLU A 80 -12.01 6.89 4.74
CA GLU A 80 -12.02 7.60 6.01
C GLU A 80 -13.34 8.34 6.18
N ARG A 81 -14.04 8.04 7.26
CA ARG A 81 -15.36 8.59 7.54
C ARG A 81 -15.20 9.68 8.60
N ARG A 82 -16.07 9.76 9.63
CA ARG A 82 -16.01 10.81 10.65
C ARG A 82 -14.97 10.52 11.71
N LEU A 83 -14.47 9.29 11.80
CA LEU A 83 -13.46 8.91 12.79
C LEU A 83 -12.07 8.86 12.17
N SER A 84 -11.81 9.70 11.18
CA SER A 84 -10.51 9.75 10.53
C SER A 84 -9.51 10.50 11.42
N PRO A 85 -8.28 9.98 11.55
CA PRO A 85 -7.24 10.72 12.26
C PRO A 85 -6.64 11.87 11.48
N PHE A 86 -7.11 12.11 10.25
CA PHE A 86 -6.50 13.14 9.42
C PHE A 86 -6.73 14.56 9.94
N PRO A 87 -7.94 14.97 10.33
CA PRO A 87 -8.08 16.32 10.90
C PRO A 87 -7.19 16.57 12.10
N ALA A 88 -6.97 15.56 12.93
CA ALA A 88 -5.99 15.70 14.02
C ALA A 88 -4.59 15.90 13.47
N LEU A 89 -4.25 15.17 12.40
CA LEU A 89 -2.95 15.35 11.77
C LEU A 89 -2.83 16.73 11.11
N VAL A 90 -3.91 17.18 10.46
CA VAL A 90 -3.88 18.48 9.80
C VAL A 90 -3.69 19.59 10.82
N ARG A 91 -4.43 19.54 11.93
CA ARG A 91 -4.26 20.55 12.97
C ARG A 91 -2.87 20.49 13.59
N LEU A 92 -2.24 19.31 13.61
CA LEU A 92 -0.86 19.22 14.04
C LEU A 92 0.07 19.94 13.06
N VAL A 93 -0.17 19.75 11.76
CA VAL A 93 0.60 20.47 10.75
C VAL A 93 0.30 21.96 10.82
N GLY A 94 -0.95 22.33 11.09
CA GLY A 94 -1.29 23.73 11.20
C GLY A 94 -0.58 24.43 12.34
N ARG A 95 -0.49 23.76 13.49
CA ARG A 95 0.24 24.34 14.61
C ARG A 95 1.72 24.47 14.30
N TYR A 96 2.30 23.47 13.62
CA TYR A 96 3.68 23.60 13.16
C TYR A 96 3.81 24.74 12.15
N THR A 97 2.80 24.93 11.32
CA THR A 97 2.83 26.01 10.34
C THR A 97 2.79 27.37 11.02
N GLN A 98 2.04 27.49 12.11
CA GLN A 98 2.00 28.76 12.84
C GLN A 98 3.33 29.08 13.49
N ARG A 99 4.07 28.06 13.93
CA ARG A 99 5.32 28.31 14.65
C ARG A 99 6.48 28.52 13.68
N HIS A 100 6.83 27.48 12.92
CA HIS A 100 8.02 27.51 12.07
C HIS A 100 7.72 27.91 10.62
N GLY A 101 6.48 28.26 10.31
CA GLY A 101 6.15 28.73 8.98
C GLY A 101 5.73 27.62 8.03
N LEU A 102 5.35 28.04 6.82
CA LEU A 102 4.94 27.11 5.80
C LEU A 102 6.14 26.40 5.20
N TYR A 103 6.07 25.08 5.11
CA TYR A 103 7.14 24.26 4.56
C TYR A 103 6.84 23.94 3.09
N VAL A 104 7.79 24.25 2.22
CA VAL A 104 7.68 24.01 0.79
C VAL A 104 8.59 22.84 0.45
N PRO A 105 8.12 21.84 -0.30
CA PRO A 105 8.97 20.68 -0.61
C PRO A 105 10.24 21.08 -1.34
N ARG A 106 11.38 20.57 -0.84
CA ARG A 106 12.67 20.84 -1.43
C ARG A 106 12.82 20.05 -2.73
N PRO A 107 13.78 20.43 -3.59
CA PRO A 107 13.94 19.74 -4.88
C PRO A 107 14.31 18.26 -4.76
N ASP A 108 14.75 17.79 -3.60
CA ASP A 108 15.07 16.38 -3.41
C ASP A 108 14.09 15.67 -2.48
N ASP A 109 12.92 16.27 -2.26
CA ASP A 109 11.87 15.63 -1.49
C ASP A 109 11.08 14.65 -2.34
N PRO A 110 10.33 13.75 -1.72
CA PRO A 110 9.48 12.84 -2.50
C PRO A 110 8.40 13.60 -3.26
N VAL A 111 8.19 13.21 -4.51
CA VAL A 111 7.11 13.76 -5.31
C VAL A 111 5.82 13.07 -4.94
N LEU A 112 4.79 13.84 -4.62
CA LEU A 112 3.57 13.28 -4.05
C LEU A 112 2.85 12.38 -5.04
N ALA A 113 2.68 12.84 -6.29
CA ALA A 113 1.98 12.04 -7.29
C ALA A 113 2.73 10.74 -7.59
N ASP A 114 4.07 10.78 -7.56
CA ASP A 114 4.84 9.55 -7.72
C ASP A 114 4.70 8.64 -6.52
N ALA A 115 4.60 9.21 -5.32
CA ALA A 115 4.36 8.39 -4.13
C ALA A 115 3.00 7.71 -4.20
N ILE A 116 1.99 8.42 -4.71
CA ILE A 116 0.67 7.81 -4.88
C ILE A 116 0.72 6.74 -5.97
N ASN A 117 1.27 7.10 -7.13
CA ASN A 117 1.31 6.15 -8.25
C ASN A 117 2.15 4.93 -7.94
N GLY A 118 3.21 5.10 -7.14
CA GLY A 118 4.06 3.96 -6.79
C GLY A 118 3.32 2.92 -5.98
N LEU A 119 2.67 3.35 -4.89
CA LEU A 119 1.88 2.44 -4.08
C LEU A 119 0.67 1.93 -4.86
N PHE A 120 0.09 2.78 -5.71
CA PHE A 120 -1.05 2.39 -6.53
C PHE A 120 -0.66 1.31 -7.53
N ARG A 121 0.53 1.43 -8.14
CA ARG A 121 0.99 0.42 -9.08
C ARG A 121 1.41 -0.86 -8.36
N ASP A 122 2.00 -0.72 -7.17
CA ASP A 122 2.34 -1.90 -6.37
C ASP A 122 1.10 -2.73 -6.08
N ALA A 123 0.01 -2.08 -5.69
CA ALA A 123 -1.23 -2.80 -5.41
C ALA A 123 -1.78 -3.47 -6.67
N LEU A 124 -1.75 -2.75 -7.79
CA LEU A 124 -2.25 -3.34 -9.03
C LEU A 124 -1.37 -4.49 -9.51
N ALA A 125 -0.06 -4.39 -9.28
CA ALA A 125 0.84 -5.46 -9.72
C ALA A 125 0.59 -6.75 -8.95
N ALA A 126 0.36 -6.64 -7.65
CA ALA A 126 0.07 -7.83 -6.84
C ALA A 126 -1.26 -8.46 -7.27
N GLY A 127 -2.29 -7.64 -7.45
CA GLY A 127 -3.58 -8.18 -7.86
C GLY A 127 -3.56 -8.75 -9.26
N THR A 128 -2.93 -8.03 -10.21
CA THR A 128 -2.85 -8.55 -11.57
C THR A 128 -1.96 -9.78 -11.65
N THR A 129 -1.02 -9.95 -10.73
CA THR A 129 -0.24 -11.18 -10.67
C THR A 129 -1.09 -12.34 -10.14
N ALA A 130 -1.82 -12.11 -9.06
CA ALA A 130 -2.72 -13.12 -8.53
C ALA A 130 -3.83 -13.45 -9.52
N GLU A 131 -4.21 -12.49 -10.35
CA GLU A 131 -5.21 -12.75 -11.39
C GLU A 131 -4.64 -13.64 -12.49
N GLN A 132 -3.40 -13.37 -12.93
CA GLN A 132 -2.78 -14.19 -13.96
C GLN A 132 -2.52 -15.61 -13.47
N LEU A 133 -2.20 -15.77 -12.18
CA LEU A 133 -1.91 -17.11 -11.66
C LEU A 133 -3.17 -17.96 -11.61
N LEU A 134 -4.30 -17.38 -11.18
CA LEU A 134 -5.53 -18.15 -11.06
C LEU A 134 -6.08 -18.56 -12.42
N MET A 135 -5.61 -17.95 -13.51
CA MET A 135 -6.01 -18.40 -14.84
C MET A 135 -5.46 -19.78 -15.17
N PHE A 136 -4.39 -20.20 -14.50
CA PHE A 136 -3.90 -21.57 -14.57
C PHE A 136 -4.17 -22.24 -13.24
N ASP A 137 -5.03 -23.26 -13.24
CA ASP A 137 -5.27 -24.02 -12.03
C ASP A 137 -4.27 -25.15 -11.82
N LEU A 138 -3.37 -25.37 -12.79
CA LEU A 138 -2.27 -26.30 -12.63
C LEU A 138 -0.97 -25.59 -13.00
N LEU A 139 -0.07 -25.47 -12.04
CA LEU A 139 1.23 -24.85 -12.20
C LEU A 139 2.29 -25.82 -11.74
N PRO A 140 3.56 -25.56 -12.03
CA PRO A 140 4.65 -26.39 -11.49
C PRO A 140 4.51 -26.56 -9.99
N PRO A 141 4.55 -27.80 -9.50
CA PRO A 141 4.21 -28.06 -8.10
C PRO A 141 5.18 -27.39 -7.13
N LYS A 142 4.62 -26.67 -6.17
CA LYS A 142 5.35 -26.12 -5.04
C LYS A 142 4.45 -26.17 -3.82
N ASP A 143 5.06 -26.06 -2.64
CA ASP A 143 4.32 -25.98 -1.39
C ASP A 143 4.66 -24.67 -0.70
N VAL A 144 3.66 -24.11 -0.01
CA VAL A 144 3.87 -22.84 0.68
C VAL A 144 4.84 -23.04 1.83
N PRO A 145 5.90 -22.24 1.94
CA PRO A 145 6.89 -22.45 3.01
C PRO A 145 6.26 -22.34 4.40
N VAL A 146 7.03 -22.79 5.39
CA VAL A 146 6.49 -22.95 6.73
C VAL A 146 6.22 -21.60 7.37
N GLY A 147 7.24 -20.74 7.49
CA GLY A 147 7.08 -19.50 8.19
C GLY A 147 7.31 -18.26 7.35
N SER A 148 6.36 -17.96 6.46
CA SER A 148 6.43 -16.78 5.59
C SER A 148 5.22 -15.90 5.85
N ASP A 149 5.47 -14.60 6.09
CA ASP A 149 4.38 -13.66 6.22
C ASP A 149 3.67 -13.43 4.89
N VAL A 150 4.37 -13.63 3.77
CA VAL A 150 3.77 -13.44 2.46
C VAL A 150 2.69 -14.49 2.18
N GLN A 151 2.69 -15.59 2.94
CA GLN A 151 1.64 -16.59 2.78
C GLN A 151 0.27 -16.01 3.15
N ALA A 152 0.20 -15.32 4.28
CA ALA A 152 -1.07 -14.72 4.71
C ALA A 152 -1.52 -13.63 3.74
N ASP A 153 -0.58 -12.80 3.26
CA ASP A 153 -0.93 -11.77 2.28
C ASP A 153 -1.40 -12.40 0.98
N SER A 154 -0.64 -13.37 0.46
CA SER A 154 -0.98 -13.98 -0.82
C SER A 154 -2.34 -14.67 -0.77
N THR A 155 -2.62 -15.41 0.31
CA THR A 155 -3.88 -16.11 0.42
C THR A 155 -5.06 -15.14 0.45
N ALA A 156 -4.93 -14.06 1.21
CA ALA A 156 -6.01 -13.08 1.29
C ALA A 156 -6.25 -12.39 -0.05
N LEU A 157 -5.19 -12.16 -0.83
CA LEU A 157 -5.35 -11.55 -2.14
C LEU A 157 -6.08 -12.48 -3.10
N LEU A 158 -5.66 -13.74 -3.15
CA LEU A 158 -6.30 -14.71 -4.04
C LEU A 158 -7.77 -14.92 -3.67
N ARG A 159 -8.06 -15.03 -2.37
CA ARG A 159 -9.44 -15.18 -1.95
C ARG A 159 -10.28 -13.95 -2.30
N PHE A 160 -9.67 -12.76 -2.18
CA PHE A 160 -10.40 -11.54 -2.53
C PHE A 160 -10.64 -11.44 -4.03
N ILE A 161 -9.72 -11.95 -4.85
CA ILE A 161 -9.89 -11.89 -6.30
C ILE A 161 -10.97 -12.87 -6.76
N GLU A 162 -11.14 -13.98 -6.05
CA GLU A 162 -12.29 -14.84 -6.33
C GLU A 162 -13.60 -14.14 -6.00
N SER A 163 -13.62 -13.36 -4.91
CA SER A 163 -14.83 -12.63 -4.56
C SER A 163 -15.15 -11.57 -5.61
N GLN A 164 -14.13 -10.94 -6.19
CA GLN A 164 -14.34 -9.97 -7.25
C GLN A 164 -14.85 -10.60 -8.54
N ARG A 165 -14.76 -11.92 -8.67
CA ARG A 165 -15.07 -12.63 -9.91
C ARG A 165 -14.22 -12.13 -11.07
N LEU A 166 -13.02 -11.64 -10.76
CA LEU A 166 -12.07 -11.32 -11.82
C LEU A 166 -11.50 -12.59 -12.45
N ALA A 167 -11.29 -13.63 -11.64
CA ALA A 167 -10.95 -14.93 -12.17
C ALA A 167 -12.23 -15.68 -12.55
N VAL A 168 -12.07 -16.66 -13.43
CA VAL A 168 -13.24 -17.40 -13.93
C VAL A 168 -13.93 -18.10 -12.77
N PRO A 169 -15.23 -17.90 -12.58
CA PRO A 169 -15.94 -18.58 -11.48
C PRO A 169 -15.91 -20.09 -11.66
N GLY A 170 -15.29 -20.78 -10.70
CA GLY A 170 -15.19 -22.22 -10.75
C GLY A 170 -13.81 -22.72 -10.39
N GLY A 171 -12.78 -21.91 -10.65
CA GLY A 171 -11.42 -22.29 -10.35
C GLY A 171 -11.19 -22.48 -8.86
N VAL A 172 -10.04 -23.07 -8.56
CA VAL A 172 -9.66 -23.42 -7.19
C VAL A 172 -8.34 -22.73 -6.84
N ILE A 173 -8.27 -22.19 -5.63
CA ILE A 173 -7.03 -21.64 -5.10
C ILE A 173 -6.19 -22.80 -4.60
N SER A 174 -5.18 -23.19 -5.38
CA SER A 174 -4.30 -24.29 -5.03
C SER A 174 -3.08 -23.77 -4.28
N PRO A 175 -2.36 -24.64 -3.56
CA PRO A 175 -1.13 -24.20 -2.88
C PRO A 175 -0.09 -23.62 -3.83
N GLU A 176 -0.11 -24.01 -5.11
CA GLU A 176 0.80 -23.40 -6.07
C GLU A 176 0.51 -21.91 -6.24
N HIS A 177 -0.76 -21.52 -6.24
CA HIS A 177 -1.11 -20.11 -6.35
C HIS A 177 -0.63 -19.33 -5.14
N VAL A 178 -0.85 -19.88 -3.93
CA VAL A 178 -0.43 -19.19 -2.72
C VAL A 178 1.08 -19.03 -2.68
N ALA A 179 1.81 -20.07 -3.08
CA ALA A 179 3.27 -20.03 -2.99
C ALA A 179 3.87 -19.10 -4.04
N TYR A 180 3.37 -19.16 -5.27
CA TYR A 180 3.97 -18.37 -6.34
C TYR A 180 3.62 -16.89 -6.24
N LEU A 181 2.43 -16.55 -5.74
CA LEU A 181 2.13 -15.15 -5.47
C LEU A 181 2.96 -14.64 -4.30
N GLY A 182 3.20 -15.49 -3.30
CA GLY A 182 4.06 -15.12 -2.20
C GLY A 182 5.50 -14.86 -2.63
N ALA A 183 5.96 -15.58 -3.66
CA ALA A 183 7.28 -15.31 -4.22
C ALA A 183 7.32 -13.94 -4.89
N PHE A 184 6.24 -13.58 -5.59
CA PHE A 184 6.15 -12.24 -6.16
C PHE A 184 6.17 -11.17 -5.08
N LEU A 185 5.39 -11.38 -4.02
CA LEU A 185 5.31 -10.38 -2.95
C LEU A 185 6.65 -10.24 -2.22
N SER A 186 7.32 -11.35 -1.94
CA SER A 186 8.60 -11.29 -1.24
C SER A 186 9.61 -10.46 -2.01
N VAL A 187 9.63 -10.58 -3.33
CA VAL A 187 10.49 -9.73 -4.14
C VAL A 187 9.96 -8.30 -4.15
N LEU A 188 8.64 -8.15 -4.32
CA LEU A 188 8.04 -6.81 -4.35
C LEU A 188 8.21 -6.11 -3.01
N TYR A 189 8.17 -6.85 -1.91
CA TYR A 189 8.35 -6.25 -0.59
C TYR A 189 9.80 -5.86 -0.32
N ALA A 190 10.73 -6.24 -1.20
CA ALA A 190 12.06 -5.66 -1.22
C ALA A 190 12.02 -4.40 -2.08
N GLY A 191 13.19 -3.87 -2.42
CA GLY A 191 13.24 -2.70 -3.28
C GLY A 191 13.48 -3.04 -4.73
N ARG A 192 13.20 -4.30 -5.09
CA ARG A 192 13.55 -4.79 -6.42
C ARG A 192 12.67 -4.19 -7.51
N GLY A 193 11.44 -3.81 -7.18
CA GLY A 193 10.52 -3.25 -8.15
C GLY A 193 9.57 -4.30 -8.70
N ARG A 194 8.53 -3.79 -9.37
CA ARG A 194 7.49 -4.68 -9.89
C ARG A 194 8.02 -5.55 -11.02
N MET A 195 8.88 -5.00 -11.88
CA MET A 195 9.40 -5.78 -13.00
C MET A 195 10.31 -6.91 -12.53
N SER A 196 11.17 -6.63 -11.53
CA SER A 196 12.02 -7.68 -11.00
C SER A 196 11.21 -8.77 -10.30
N ALA A 197 10.05 -8.40 -9.73
CA ALA A 197 9.19 -9.39 -9.10
C ALA A 197 8.39 -10.17 -10.14
N ALA A 198 7.96 -9.50 -11.21
CA ALA A 198 7.19 -10.18 -12.25
C ALA A 198 8.07 -11.18 -13.02
N THR A 199 9.28 -10.79 -13.37
CA THR A 199 10.16 -11.68 -14.12
C THR A 199 10.59 -12.87 -13.29
N HIS A 200 10.89 -12.65 -12.00
CA HIS A 200 11.29 -13.76 -11.14
C HIS A 200 10.15 -14.74 -10.95
N THR A 201 8.93 -14.23 -10.78
CA THR A 201 7.78 -15.12 -10.63
C THR A 201 7.47 -15.83 -11.95
N ALA A 202 7.66 -15.14 -13.08
CA ALA A 202 7.44 -15.78 -14.38
C ALA A 202 8.46 -16.88 -14.63
N ARG A 203 9.69 -16.72 -14.14
CA ARG A 203 10.69 -17.78 -14.26
C ARG A 203 10.23 -19.04 -13.55
N LEU A 204 9.74 -18.90 -12.31
CA LEU A 204 9.34 -20.06 -11.52
C LEU A 204 8.11 -20.74 -12.13
N THR A 205 7.10 -19.95 -12.51
CA THR A 205 5.83 -20.51 -12.93
C THR A 205 5.82 -20.88 -14.41
N GLY A 206 6.61 -20.20 -15.23
CA GLY A 206 6.49 -20.33 -16.66
C GLY A 206 5.38 -19.51 -17.29
N VAL A 207 4.62 -18.77 -16.49
CA VAL A 207 3.57 -17.89 -16.99
C VAL A 207 4.22 -16.74 -17.74
N THR A 208 4.26 -16.84 -19.06
CA THR A 208 4.97 -15.84 -19.87
C THR A 208 4.26 -14.49 -19.84
N SER A 209 2.93 -14.49 -19.86
CA SER A 209 2.17 -13.24 -19.88
C SER A 209 2.27 -12.46 -18.59
N LEU A 210 2.82 -13.06 -17.52
CA LEU A 210 2.88 -12.39 -16.23
C LEU A 210 3.72 -11.12 -16.25
N VAL A 211 4.67 -11.02 -17.19
CA VAL A 211 5.53 -9.84 -17.25
C VAL A 211 4.82 -8.67 -17.92
N LEU A 212 4.21 -8.92 -19.09
CA LEU A 212 3.52 -7.84 -19.80
C LEU A 212 2.32 -7.33 -19.03
N ALA A 213 1.68 -8.19 -18.23
CA ALA A 213 0.55 -7.75 -17.41
C ALA A 213 0.99 -6.70 -16.39
N VAL A 214 2.11 -6.96 -15.71
CA VAL A 214 2.66 -5.97 -14.79
C VAL A 214 3.16 -4.75 -15.57
N GLY A 215 3.58 -4.95 -16.82
CA GLY A 215 3.98 -3.82 -17.63
C GLY A 215 2.82 -2.89 -17.94
N ASP A 216 1.64 -3.45 -18.23
CA ASP A 216 0.46 -2.62 -18.44
C ASP A 216 0.05 -1.89 -17.17
N VAL A 217 0.41 -2.40 -15.99
CA VAL A 217 0.16 -1.68 -14.76
C VAL A 217 0.98 -0.39 -14.72
N ASP A 218 2.24 -0.44 -15.13
CA ASP A 218 3.08 0.74 -15.15
C ASP A 218 2.60 1.79 -16.14
N ARG A 219 1.76 1.39 -17.10
CA ARG A 219 1.14 2.34 -18.02
C ARG A 219 -0.11 3.00 -17.44
N LEU A 220 -0.36 2.84 -16.14
CA LEU A 220 -1.56 3.34 -15.49
C LEU A 220 -1.19 4.35 -14.41
N SER A 221 -2.18 5.11 -13.97
CA SER A 221 -2.00 6.15 -12.98
C SER A 221 -3.24 6.25 -12.11
N ALA A 222 -3.03 6.63 -10.85
CA ALA A 222 -4.15 6.83 -9.93
C ALA A 222 -4.96 8.08 -10.24
N PHE A 223 -4.65 8.77 -11.35
CA PHE A 223 -5.36 9.98 -11.74
C PHE A 223 -6.01 9.82 -13.11
N ASP A 224 -6.13 8.60 -13.62
CA ASP A 224 -6.76 8.38 -14.91
C ASP A 224 -8.23 8.72 -14.85
N ARG A 225 -8.77 9.17 -15.97
CA ARG A 225 -10.15 9.63 -16.08
C ARG A 225 -11.02 8.52 -16.67
N GLY A 226 -12.34 8.66 -16.46
CA GLY A 226 -13.30 7.74 -17.00
C GLY A 226 -13.54 6.54 -16.11
N ALA A 227 -14.34 5.62 -16.63
CA ALA A 227 -14.63 4.39 -15.90
C ALA A 227 -13.38 3.53 -15.75
N ALA A 228 -12.43 3.65 -16.67
CA ALA A 228 -11.21 2.86 -16.59
C ALA A 228 -10.34 3.29 -15.41
N GLY A 229 -10.17 4.60 -15.23
CA GLY A 229 -9.36 5.09 -14.13
C GLY A 229 -9.99 4.80 -12.78
N ALA A 230 -11.32 4.87 -12.70
CA ALA A 230 -11.99 4.54 -11.45
C ALA A 230 -11.97 3.04 -11.18
N ALA A 231 -12.01 2.22 -12.23
CA ALA A 231 -11.96 0.78 -12.05
C ALA A 231 -10.61 0.34 -11.50
N SER A 232 -9.53 1.01 -11.92
CA SER A 232 -8.21 0.69 -11.39
C SER A 232 -8.05 1.23 -9.97
N ARG A 233 -8.62 2.40 -9.68
CA ARG A 233 -8.60 2.93 -8.32
C ARG A 233 -9.37 2.01 -7.37
N THR A 234 -10.41 1.35 -7.86
CA THR A 234 -11.16 0.41 -7.02
C THR A 234 -10.34 -0.84 -6.72
N ARG A 235 -9.66 -1.39 -7.72
CA ARG A 235 -8.78 -2.54 -7.50
C ARG A 235 -7.71 -2.21 -6.47
N ALA A 236 -7.01 -1.09 -6.67
CA ALA A 236 -5.93 -0.71 -5.76
C ALA A 236 -6.45 -0.48 -4.35
N ALA A 237 -7.65 0.10 -4.22
CA ALA A 237 -8.23 0.29 -2.90
C ALA A 237 -8.55 -1.05 -2.24
N GLY A 238 -9.10 -1.99 -3.01
CA GLY A 238 -9.44 -3.28 -2.43
C GLY A 238 -8.22 -4.09 -2.03
N TYR A 239 -7.21 -4.15 -2.91
CA TYR A 239 -6.02 -4.95 -2.62
C TYR A 239 -5.27 -4.40 -1.41
N LEU A 240 -5.08 -3.07 -1.35
CA LEU A 240 -4.42 -2.47 -0.20
C LEU A 240 -5.24 -2.65 1.07
N ASP A 241 -6.57 -2.62 0.95
CA ASP A 241 -7.41 -2.88 2.12
C ASP A 241 -7.32 -4.34 2.55
N VAL A 242 -7.12 -5.26 1.60
CA VAL A 242 -6.96 -6.67 1.92
C VAL A 242 -5.66 -6.90 2.67
N LEU A 243 -4.56 -6.34 2.17
CA LEU A 243 -3.28 -6.48 2.84
C LEU A 243 -3.27 -5.77 4.20
N LEU A 244 -4.03 -4.68 4.32
CA LEU A 244 -4.08 -3.95 5.59
C LEU A 244 -4.75 -4.78 6.68
N THR A 245 -5.87 -5.43 6.34
CA THR A 245 -6.60 -6.21 7.33
C THR A 245 -5.76 -7.37 7.86
N VAL A 246 -4.96 -8.00 7.00
CA VAL A 246 -4.12 -9.12 7.42
C VAL A 246 -3.01 -8.62 8.33
N ARG A 247 -2.26 -7.61 7.88
CA ARG A 247 -1.10 -7.14 8.64
C ARG A 247 -1.50 -6.62 10.02
N LEU A 248 -2.68 -6.01 10.14
CA LEU A 248 -3.14 -5.54 11.44
C LEU A 248 -3.65 -6.68 12.32
N ALA A 249 -4.06 -7.79 11.74
CA ALA A 249 -4.53 -8.93 12.53
C ALA A 249 -3.35 -9.74 13.06
N ARG A 250 -2.29 -9.88 12.26
CA ARG A 250 -1.12 -10.65 12.71
C ARG A 250 -0.28 -9.88 13.71
N SER A 251 -0.44 -8.55 13.80
CA SER A 251 0.36 -7.76 14.72
C SER A 251 -0.19 -7.77 16.14
N GLN A 252 -1.48 -8.05 16.31
CA GLN A 252 -2.09 -8.08 17.64
C GLN A 252 -1.46 -9.15 18.52
#